data_3TRF
#
_entry.id   3TRF
#
_cell.length_a   98.429
_cell.length_b   98.429
_cell.length_c   157.071
_cell.angle_alpha   90.00
_cell.angle_beta   90.00
_cell.angle_gamma   120.00
#
_symmetry.space_group_name_H-M   'P 65 2 2'
#
loop_
_entity.id
_entity.type
_entity.pdbx_description
1 polymer 'Shikimate kinase'
2 non-polymer 'SULFATE ION'
3 water water
#
_entity_poly.entity_id   1
_entity_poly.type   'polypeptide(L)'
_entity_poly.pdbx_seq_one_letter_code
;MKKNLTNIYLIGLMGAGKTSVGSQLAKLTKRILYDSDKEIEKRTGADIAWIFEMEGEAGFRRREREMIEALCKLDNIILA
TGGGVVLDEKNRQQISETGVVIYLTASIDTQLKRIGQKGEMRRPLFIKNNSKEKLQQLNEIRKPLYQAMADLVYPTDDLN
PRQLATQILVDIKQTYSDLENLYFQ
;
_entity_poly.pdbx_strand_id   A,B
#
loop_
_chem_comp.id
_chem_comp.type
_chem_comp.name
_chem_comp.formula
SO4 non-polymer 'SULFATE ION' 'O4 S -2'
#
# COMPACT_ATOMS: atom_id res chain seq x y z
N LEU A 5 -12.69 17.36 1.79
CA LEU A 5 -13.46 16.22 1.28
C LEU A 5 -14.23 16.59 0.01
N THR A 6 -15.49 16.15 -0.05
CA THR A 6 -16.41 16.46 -1.15
C THR A 6 -16.14 15.71 -2.46
N ASN A 7 -14.93 15.19 -2.63
CA ASN A 7 -14.58 14.41 -3.82
C ASN A 7 -14.98 12.94 -3.71
N ILE A 8 -15.35 12.34 -4.83
CA ILE A 8 -15.57 10.91 -4.88
C ILE A 8 -14.48 10.26 -5.71
N TYR A 9 -13.73 9.34 -5.10
CA TYR A 9 -12.64 8.66 -5.78
C TYR A 9 -13.01 7.21 -6.05
N LEU A 10 -12.95 6.81 -7.31
CA LEU A 10 -13.26 5.44 -7.69
C LEU A 10 -11.98 4.69 -7.97
N ILE A 11 -11.78 3.58 -7.28
CA ILE A 11 -10.54 2.84 -7.43
C ILE A 11 -10.78 1.37 -7.74
N GLY A 12 -9.75 0.71 -8.24
CA GLY A 12 -9.87 -0.66 -8.68
C GLY A 12 -8.96 -0.90 -9.87
N LEU A 13 -8.84 -2.14 -10.31
CA LEU A 13 -8.03 -2.46 -11.47
C LEU A 13 -8.79 -2.13 -12.76
N MET A 14 -8.08 -2.20 -13.87
CA MET A 14 -8.70 -2.00 -15.18
C MET A 14 -9.91 -2.92 -15.29
N GLY A 15 -11.01 -2.38 -15.80
CA GLY A 15 -12.21 -3.17 -16.03
C GLY A 15 -13.05 -3.36 -14.77
N ALA A 16 -12.81 -2.54 -13.76
CA ALA A 16 -13.54 -2.63 -12.50
C ALA A 16 -14.87 -1.90 -12.56
N GLY A 17 -15.09 -1.14 -13.62
CA GLY A 17 -16.33 -0.40 -13.78
C GLY A 17 -16.21 1.06 -13.38
N LYS A 18 -14.98 1.53 -13.23
CA LYS A 18 -14.75 2.89 -12.77
C LYS A 18 -15.39 3.91 -13.72
N THR A 19 -15.11 3.76 -15.00
CA THR A 19 -15.67 4.66 -16.00
C THR A 19 -17.19 4.53 -16.05
N SER A 20 -17.68 3.30 -16.01
CA SER A 20 -19.11 3.05 -16.06
C SER A 20 -19.84 3.70 -14.88
N VAL A 21 -19.56 3.23 -13.68
CA VAL A 21 -20.15 3.79 -12.47
C VAL A 21 -19.87 5.28 -12.36
N GLY A 22 -18.69 5.68 -12.80
CA GLY A 22 -18.29 7.08 -12.79
C GLY A 22 -19.16 7.94 -13.68
N SER A 23 -19.57 7.38 -14.81
CA SER A 23 -20.44 8.10 -15.74
C SER A 23 -21.85 8.24 -15.17
N GLN A 24 -22.35 7.17 -14.54
CA GLN A 24 -23.70 7.20 -13.96
C GLN A 24 -23.81 8.18 -12.81
N LEU A 25 -22.79 8.24 -11.96
CA LEU A 25 -22.76 9.17 -10.85
C LEU A 25 -22.78 10.62 -11.34
N ALA A 26 -21.96 10.91 -12.34
CA ALA A 26 -21.89 12.24 -12.91
C ALA A 26 -23.22 12.67 -13.54
N LYS A 27 -23.97 11.72 -14.08
CA LYS A 27 -25.30 12.01 -14.61
C LYS A 27 -26.25 12.37 -13.49
N LEU A 28 -26.36 11.49 -12.50
CA LEU A 28 -27.28 11.67 -11.39
C LEU A 28 -26.98 12.89 -10.54
N THR A 29 -25.81 13.50 -10.72
CA THR A 29 -25.39 14.58 -9.84
C THR A 29 -24.91 15.83 -10.56
N LYS A 30 -24.85 15.78 -11.89
CA LYS A 30 -24.39 16.92 -12.68
C LYS A 30 -22.97 17.36 -12.31
N ARG A 31 -22.24 16.48 -11.61
CA ARG A 31 -20.84 16.74 -11.29
C ARG A 31 -19.95 16.35 -12.46
N ILE A 32 -18.74 16.91 -12.49
CA ILE A 32 -17.78 16.60 -13.53
C ILE A 32 -16.98 15.33 -13.22
N LEU A 33 -16.97 14.40 -14.16
CA LEU A 33 -16.19 13.17 -14.00
C LEU A 33 -14.81 13.32 -14.62
N TYR A 34 -13.78 13.04 -13.83
CA TYR A 34 -12.41 13.05 -14.34
C TYR A 34 -11.85 11.64 -14.39
N ASP A 35 -10.95 11.42 -15.35
CA ASP A 35 -10.26 10.16 -15.49
C ASP A 35 -8.78 10.49 -15.51
N SER A 36 -8.05 10.02 -14.51
CA SER A 36 -6.65 10.40 -14.33
C SER A 36 -5.79 10.09 -15.55
N ASP A 37 -6.12 9.00 -16.25
CA ASP A 37 -5.42 8.66 -17.48
C ASP A 37 -5.58 9.73 -18.54
N LYS A 38 -6.83 10.10 -18.82
CA LYS A 38 -7.13 11.10 -19.82
C LYS A 38 -6.55 12.45 -19.43
N GLU A 39 -6.68 12.81 -18.15
CA GLU A 39 -6.08 14.03 -17.65
C GLU A 39 -4.57 14.08 -17.90
N ILE A 40 -3.90 12.96 -17.68
CA ILE A 40 -2.47 12.88 -17.93
C ILE A 40 -2.16 13.10 -19.41
N GLU A 41 -2.89 12.42 -20.28
CA GLU A 41 -2.68 12.57 -21.71
C GLU A 41 -2.91 14.01 -22.15
N LYS A 42 -3.92 14.65 -21.58
CA LYS A 42 -4.24 16.03 -21.91
C LYS A 42 -3.09 16.98 -21.58
N ARG A 43 -2.58 16.91 -20.35
CA ARG A 43 -1.49 17.77 -19.93
C ARG A 43 -0.19 17.45 -20.69
N THR A 44 0.02 16.17 -20.98
CA THR A 44 1.20 15.74 -21.71
C THR A 44 1.13 16.12 -23.19
N GLY A 45 -0.09 16.15 -23.73
CA GLY A 45 -0.30 16.38 -25.14
C GLY A 45 0.13 15.21 -25.99
N ALA A 46 0.01 14.01 -25.43
CA ALA A 46 0.34 12.77 -26.12
C ALA A 46 -0.38 11.64 -25.39
N ASP A 47 -0.47 10.48 -26.02
CA ASP A 47 -1.16 9.35 -25.40
C ASP A 47 -0.25 8.56 -24.46
N ILE A 48 -0.88 7.75 -23.62
CA ILE A 48 -0.19 6.90 -22.66
C ILE A 48 0.89 6.04 -23.32
N ALA A 49 0.61 5.58 -24.53
CA ALA A 49 1.56 4.74 -25.27
C ALA A 49 2.86 5.49 -25.59
N TRP A 50 2.73 6.78 -25.86
CA TRP A 50 3.90 7.62 -26.12
C TRP A 50 4.72 7.80 -24.83
N ILE A 51 4.03 8.00 -23.72
CA ILE A 51 4.68 8.19 -22.44
C ILE A 51 5.54 6.98 -22.06
N PHE A 52 4.92 5.80 -22.04
CA PHE A 52 5.63 4.57 -21.72
C PHE A 52 6.79 4.29 -22.67
N GLU A 53 6.63 4.67 -23.93
CA GLU A 53 7.66 4.41 -24.93
C GLU A 53 8.87 5.32 -24.77
N MET A 54 8.62 6.61 -24.55
CA MET A 54 9.69 7.60 -24.48
C MET A 54 10.23 7.82 -23.07
N GLU A 55 9.47 7.39 -22.06
CA GLU A 55 9.86 7.65 -20.68
C GLU A 55 9.72 6.43 -19.76
N GLY A 56 9.18 5.34 -20.30
CA GLY A 56 8.96 4.14 -19.50
C GLY A 56 7.91 4.32 -18.39
N GLU A 57 7.61 3.23 -17.70
CA GLU A 57 6.63 3.28 -16.61
C GLU A 57 6.96 4.38 -15.60
N ALA A 58 8.25 4.49 -15.27
CA ALA A 58 8.70 5.49 -14.32
C ALA A 58 8.24 6.88 -14.75
N GLY A 59 8.44 7.19 -16.03
CA GLY A 59 8.00 8.47 -16.58
C GLY A 59 6.52 8.68 -16.40
N PHE A 60 5.75 7.59 -16.53
CA PHE A 60 4.31 7.68 -16.36
C PHE A 60 3.90 7.90 -14.91
N ARG A 61 4.56 7.19 -14.00
CA ARG A 61 4.27 7.32 -12.57
C ARG A 61 4.53 8.75 -12.10
N ARG A 62 5.57 9.38 -12.65
CA ARG A 62 5.90 10.76 -12.35
C ARG A 62 4.73 11.67 -12.73
N ARG A 63 4.36 11.63 -14.01
CA ARG A 63 3.26 12.43 -14.51
C ARG A 63 1.96 12.12 -13.79
N GLU A 64 1.78 10.85 -13.43
CA GLU A 64 0.56 10.43 -12.74
C GLU A 64 0.43 11.10 -11.38
N ARG A 65 1.54 11.25 -10.67
CA ARG A 65 1.51 11.84 -9.34
C ARG A 65 1.27 13.35 -9.37
N GLU A 66 1.80 14.02 -10.39
CA GLU A 66 1.59 15.45 -10.56
C GLU A 66 0.11 15.76 -10.78
N MET A 67 -0.53 14.92 -11.59
CA MET A 67 -1.92 15.12 -11.94
C MET A 67 -2.84 14.82 -10.76
N ILE A 68 -2.51 13.77 -10.01
CA ILE A 68 -3.30 13.41 -8.84
C ILE A 68 -3.22 14.54 -7.81
N GLU A 69 -2.04 15.13 -7.66
CA GLU A 69 -1.87 16.26 -6.78
C GLU A 69 -2.80 17.39 -7.19
N ALA A 70 -2.79 17.70 -8.48
CA ALA A 70 -3.59 18.81 -9.02
C ALA A 70 -5.09 18.55 -8.92
N LEU A 71 -5.50 17.33 -9.25
CA LEU A 71 -6.91 16.96 -9.23
C LEU A 71 -7.49 16.93 -7.83
N CYS A 72 -6.70 16.45 -6.87
CA CYS A 72 -7.18 16.34 -5.49
C CYS A 72 -7.53 17.70 -4.89
N LYS A 73 -6.90 18.75 -5.42
CA LYS A 73 -7.19 20.11 -4.98
C LYS A 73 -8.60 20.54 -5.38
N LEU A 74 -9.02 20.11 -6.58
CA LEU A 74 -10.36 20.44 -7.07
C LEU A 74 -11.43 19.95 -6.10
N ASP A 75 -12.59 20.59 -6.13
CA ASP A 75 -13.65 20.27 -5.19
C ASP A 75 -14.92 19.77 -5.87
N ASN A 76 -15.61 18.86 -5.18
CA ASN A 76 -16.88 18.31 -5.63
C ASN A 76 -16.81 17.59 -6.98
N ILE A 77 -15.65 17.05 -7.29
CA ILE A 77 -15.48 16.28 -8.53
C ILE A 77 -15.66 14.79 -8.27
N ILE A 78 -15.70 14.03 -9.36
CA ILE A 78 -15.65 12.57 -9.30
C ILE A 78 -14.42 12.14 -10.11
N LEU A 79 -13.72 11.14 -9.62
CA LEU A 79 -12.47 10.74 -10.28
C LEU A 79 -12.32 9.23 -10.45
N ALA A 80 -12.23 8.79 -11.70
CA ALA A 80 -11.89 7.42 -12.01
C ALA A 80 -10.38 7.30 -11.96
N THR A 81 -9.87 6.63 -10.93
CA THR A 81 -8.45 6.63 -10.62
C THR A 81 -7.73 5.49 -11.33
N GLY A 82 -6.69 5.84 -12.08
CA GLY A 82 -5.86 4.83 -12.71
C GLY A 82 -5.41 3.78 -11.72
N GLY A 83 -5.51 2.52 -12.11
CA GLY A 83 -5.21 1.41 -11.22
C GLY A 83 -3.89 1.51 -10.47
N GLY A 84 -2.92 2.19 -11.06
CA GLY A 84 -1.59 2.28 -10.47
C GLY A 84 -1.37 3.46 -9.53
N VAL A 85 -2.38 4.32 -9.44
CA VAL A 85 -2.29 5.54 -8.63
C VAL A 85 -2.04 5.29 -7.14
N VAL A 86 -2.64 4.23 -6.60
CA VAL A 86 -2.57 3.97 -5.16
C VAL A 86 -1.27 3.28 -4.76
N LEU A 87 -0.38 3.04 -5.73
CA LEU A 87 0.92 2.46 -5.44
C LEU A 87 1.81 3.45 -4.70
N ASP A 88 1.53 4.73 -4.90
CA ASP A 88 2.35 5.79 -4.31
C ASP A 88 1.74 6.31 -3.02
N GLU A 89 2.54 6.31 -1.96
CA GLU A 89 2.08 6.74 -0.64
C GLU A 89 1.49 8.14 -0.66
N LYS A 90 2.18 9.06 -1.33
CA LYS A 90 1.71 10.44 -1.46
C LYS A 90 0.30 10.51 -2.05
N ASN A 91 0.09 9.79 -3.15
CA ASN A 91 -1.22 9.75 -3.78
C ASN A 91 -2.27 9.21 -2.82
N ARG A 92 -1.94 8.15 -2.11
CA ARG A 92 -2.88 7.56 -1.17
C ARG A 92 -3.20 8.58 -0.09
N GLN A 93 -2.22 9.41 0.23
CA GLN A 93 -2.38 10.43 1.25
C GLN A 93 -3.39 11.47 0.80
N GLN A 94 -3.09 12.15 -0.31
CA GLN A 94 -3.97 13.19 -0.83
C GLN A 94 -5.38 12.68 -1.06
N ILE A 95 -5.51 11.47 -1.58
CA ILE A 95 -6.82 10.90 -1.88
C ILE A 95 -7.65 10.63 -0.64
N SER A 96 -7.08 9.90 0.32
CA SER A 96 -7.79 9.58 1.56
C SER A 96 -8.14 10.85 2.33
N GLU A 97 -7.42 11.93 2.07
CA GLU A 97 -7.62 13.18 2.77
C GLU A 97 -8.65 14.11 2.12
N THR A 98 -8.82 13.99 0.81
CA THR A 98 -9.64 14.95 0.07
C THR A 98 -10.95 14.38 -0.50
N GLY A 99 -11.35 13.20 -0.06
CA GLY A 99 -12.61 12.63 -0.53
C GLY A 99 -12.90 11.22 -0.11
N VAL A 100 -14.08 10.74 -0.49
CA VAL A 100 -14.48 9.36 -0.21
C VAL A 100 -13.80 8.42 -1.19
N VAL A 101 -13.60 7.17 -0.79
CA VAL A 101 -12.90 6.20 -1.62
C VAL A 101 -13.74 4.97 -1.86
N ILE A 102 -14.17 4.79 -3.09
CA ILE A 102 -15.00 3.65 -3.47
C ILE A 102 -14.18 2.61 -4.24
N TYR A 103 -14.18 1.39 -3.74
CA TYR A 103 -13.47 0.30 -4.38
C TYR A 103 -14.46 -0.58 -5.14
N LEU A 104 -14.30 -0.62 -6.46
CA LEU A 104 -15.20 -1.40 -7.31
C LEU A 104 -14.56 -2.72 -7.69
N THR A 105 -15.31 -3.81 -7.54
CA THR A 105 -14.80 -5.15 -7.82
C THR A 105 -15.52 -5.80 -8.99
N ALA A 106 -14.80 -6.66 -9.70
CA ALA A 106 -15.36 -7.37 -10.84
C ALA A 106 -14.60 -8.67 -11.09
N SER A 107 -15.30 -9.71 -11.50
CA SER A 107 -14.66 -10.98 -11.82
C SER A 107 -13.68 -10.77 -12.97
N ILE A 108 -12.77 -11.71 -13.14
CA ILE A 108 -11.83 -11.66 -14.26
C ILE A 108 -12.60 -11.64 -15.58
N ASP A 109 -13.76 -12.29 -15.60
CA ASP A 109 -14.56 -12.39 -16.81
C ASP A 109 -15.21 -11.05 -17.13
N THR A 110 -15.71 -10.37 -16.11
CA THR A 110 -16.29 -9.05 -16.29
C THR A 110 -15.20 -8.08 -16.75
N GLN A 111 -14.02 -8.20 -16.14
CA GLN A 111 -12.89 -7.36 -16.51
C GLN A 111 -12.57 -7.46 -17.99
N LEU A 112 -12.44 -8.69 -18.48
CA LEU A 112 -12.03 -8.94 -19.85
C LEU A 112 -13.04 -8.42 -20.86
N LYS A 113 -14.32 -8.39 -20.47
CA LYS A 113 -15.36 -7.82 -21.32
C LYS A 113 -15.13 -6.32 -21.51
N ARG A 114 -15.12 -5.58 -20.41
CA ARG A 114 -14.93 -4.13 -20.44
C ARG A 114 -13.66 -3.71 -21.17
N ILE A 115 -12.55 -4.37 -20.82
CA ILE A 115 -11.25 -4.07 -21.40
C ILE A 115 -11.23 -4.31 -22.91
N GLY A 116 -11.92 -5.35 -23.36
CA GLY A 116 -11.82 -5.78 -24.74
C GLY A 116 -12.80 -5.15 -25.71
N GLN A 117 -13.89 -4.59 -25.20
CA GLN A 117 -14.93 -4.06 -26.07
C GLN A 117 -14.57 -2.69 -26.66
N LYS A 118 -14.45 -2.64 -27.97
CA LYS A 118 -14.22 -1.38 -28.69
C LYS A 118 -15.49 -0.98 -29.44
N GLY A 119 -15.73 0.32 -29.55
CA GLY A 119 -16.93 0.82 -30.20
C GLY A 119 -17.03 0.46 -31.67
N GLU A 120 -15.90 0.49 -32.35
CA GLU A 120 -15.85 0.28 -33.80
C GLU A 120 -15.90 -1.19 -34.19
N MET A 121 -15.94 -2.08 -33.21
CA MET A 121 -15.86 -3.50 -33.48
C MET A 121 -16.92 -4.27 -32.70
N ARG A 122 -17.62 -5.16 -33.39
CA ARG A 122 -18.76 -5.86 -32.80
C ARG A 122 -18.37 -6.70 -31.58
N ARG A 123 -17.51 -7.69 -31.80
CA ARG A 123 -17.03 -8.52 -30.71
C ARG A 123 -15.84 -7.85 -30.04
N PRO A 124 -15.71 -8.06 -28.72
CA PRO A 124 -14.57 -7.49 -27.99
C PRO A 124 -13.26 -8.12 -28.47
N LEU A 125 -12.16 -7.43 -28.25
CA LEU A 125 -10.84 -8.04 -28.45
C LEU A 125 -10.58 -9.00 -27.29
N PHE A 126 -9.88 -10.09 -27.59
CA PHE A 126 -9.48 -11.04 -26.56
C PHE A 126 -7.97 -10.95 -26.37
N ILE A 127 -7.53 -11.01 -25.11
CA ILE A 127 -6.10 -10.94 -24.83
C ILE A 127 -5.50 -12.34 -24.72
N LYS A 128 -4.20 -12.43 -24.89
CA LYS A 128 -3.51 -13.71 -24.78
C LYS A 128 -3.51 -14.18 -23.34
N ASN A 129 -3.41 -15.49 -23.15
CA ASN A 129 -3.42 -16.07 -21.80
C ASN A 129 -2.25 -15.55 -20.98
N ASN A 130 -1.13 -15.30 -21.63
CA ASN A 130 0.01 -14.65 -20.99
C ASN A 130 -0.44 -13.37 -20.30
N SER A 131 -1.10 -12.50 -21.06
CA SER A 131 -1.56 -11.22 -20.53
C SER A 131 -2.63 -11.41 -19.47
N LYS A 132 -3.50 -12.40 -19.66
CA LYS A 132 -4.56 -12.67 -18.69
C LYS A 132 -3.96 -13.06 -17.34
N GLU A 133 -2.94 -13.91 -17.37
CA GLU A 133 -2.27 -14.33 -16.14
C GLU A 133 -1.68 -13.12 -15.42
N LYS A 134 -1.01 -12.26 -16.19
CA LYS A 134 -0.44 -11.04 -15.64
C LYS A 134 -1.52 -10.22 -14.93
N LEU A 135 -2.70 -10.18 -15.53
CA LEU A 135 -3.80 -9.41 -14.98
C LEU A 135 -4.30 -10.03 -13.67
N GLN A 136 -4.39 -11.34 -13.63
CA GLN A 136 -4.85 -12.04 -12.43
C GLN A 136 -3.82 -11.95 -11.30
N GLN A 137 -2.55 -11.86 -11.67
CA GLN A 137 -1.50 -11.61 -10.69
C GLN A 137 -1.61 -10.21 -10.11
N LEU A 138 -1.90 -9.23 -10.96
CA LEU A 138 -2.18 -7.87 -10.50
C LEU A 138 -3.35 -7.88 -9.53
N ASN A 139 -4.45 -8.49 -9.95
CA ASN A 139 -5.63 -8.60 -9.10
C ASN A 139 -5.24 -9.13 -7.74
N GLU A 140 -4.39 -10.15 -7.75
CA GLU A 140 -3.96 -10.81 -6.52
C GLU A 140 -3.29 -9.84 -5.55
N ILE A 141 -2.32 -9.08 -6.03
CA ILE A 141 -1.47 -8.29 -5.14
C ILE A 141 -1.90 -6.83 -4.94
N ARG A 142 -2.87 -6.37 -5.72
CA ARG A 142 -3.35 -5.00 -5.59
C ARG A 142 -4.67 -4.93 -4.82
N LYS A 143 -5.39 -6.05 -4.81
CA LYS A 143 -6.68 -6.13 -4.11
C LYS A 143 -6.59 -5.68 -2.65
N PRO A 144 -5.66 -6.28 -1.88
CA PRO A 144 -5.52 -5.93 -0.46
C PRO A 144 -5.33 -4.44 -0.24
N LEU A 145 -4.43 -3.84 -1.03
CA LEU A 145 -4.21 -2.41 -0.96
C LEU A 145 -5.50 -1.63 -1.23
N TYR A 146 -6.22 -2.03 -2.27
CA TYR A 146 -7.50 -1.38 -2.59
C TYR A 146 -8.47 -1.48 -1.42
N GLN A 147 -8.51 -2.66 -0.80
CA GLN A 147 -9.40 -2.89 0.33
C GLN A 147 -9.04 -1.98 1.49
N ALA A 148 -7.74 -1.75 1.67
CA ALA A 148 -7.26 -0.88 2.73
C ALA A 148 -7.86 0.51 2.60
N MET A 149 -7.70 1.13 1.43
CA MET A 149 -8.17 2.49 1.21
C MET A 149 -9.69 2.58 1.14
N ALA A 150 -10.33 1.46 0.80
CA ALA A 150 -11.76 1.44 0.55
C ALA A 150 -12.59 1.87 1.76
N ASP A 151 -13.28 2.99 1.61
CA ASP A 151 -14.32 3.37 2.56
C ASP A 151 -15.54 2.52 2.27
N LEU A 152 -15.81 2.30 0.98
CA LEU A 152 -16.95 1.52 0.53
C LEU A 152 -16.57 0.58 -0.60
N VAL A 153 -17.19 -0.59 -0.64
CA VAL A 153 -16.84 -1.62 -1.62
C VAL A 153 -18.08 -2.15 -2.34
N TYR A 154 -18.00 -2.24 -3.67
CA TYR A 154 -19.10 -2.74 -4.48
C TYR A 154 -18.61 -3.63 -5.63
N PRO A 155 -19.36 -4.70 -5.92
CA PRO A 155 -19.14 -5.47 -7.14
C PRO A 155 -19.83 -4.78 -8.32
N THR A 156 -19.34 -5.01 -9.53
CA THR A 156 -19.93 -4.38 -10.71
C THR A 156 -20.28 -5.38 -11.81
N ASP A 157 -20.24 -6.66 -11.47
CA ASP A 157 -20.71 -7.69 -12.40
C ASP A 157 -22.21 -7.53 -12.57
N ASP A 158 -22.72 -7.86 -13.76
CA ASP A 158 -24.15 -7.73 -14.05
C ASP A 158 -24.65 -6.36 -13.56
N LEU A 159 -23.88 -5.33 -13.87
CA LEU A 159 -24.11 -3.99 -13.32
C LEU A 159 -25.40 -3.34 -13.80
N ASN A 160 -26.17 -2.83 -12.84
CA ASN A 160 -27.27 -1.92 -13.13
C ASN A 160 -26.84 -0.52 -12.70
N PRO A 161 -26.15 0.21 -13.59
CA PRO A 161 -25.55 1.51 -13.28
C PRO A 161 -26.41 2.36 -12.37
N ARG A 162 -27.57 2.79 -12.86
CA ARG A 162 -28.48 3.63 -12.08
C ARG A 162 -28.70 3.11 -10.66
N GLN A 163 -29.04 1.83 -10.55
CA GLN A 163 -29.32 1.22 -9.26
C GLN A 163 -28.13 1.29 -8.31
N LEU A 164 -26.96 0.89 -8.79
CA LEU A 164 -25.76 0.88 -7.96
C LEU A 164 -25.30 2.29 -7.60
N ALA A 165 -25.40 3.21 -8.55
CA ALA A 165 -24.93 4.57 -8.33
C ALA A 165 -25.76 5.33 -7.30
N THR A 166 -27.08 5.11 -7.31
CA THR A 166 -27.94 5.71 -6.29
C THR A 166 -27.66 5.05 -4.95
N GLN A 167 -27.51 3.72 -4.98
CA GLN A 167 -27.14 2.97 -3.79
C GLN A 167 -25.83 3.50 -3.20
N ILE A 168 -24.86 3.76 -4.07
CA ILE A 168 -23.59 4.34 -3.65
C ILE A 168 -23.82 5.71 -3.01
N LEU A 169 -24.68 6.51 -3.64
CA LEU A 169 -24.97 7.86 -3.15
C LEU A 169 -25.65 7.85 -1.79
N VAL A 170 -26.38 6.78 -1.50
CA VAL A 170 -27.03 6.62 -0.20
C VAL A 170 -25.98 6.26 0.86
N ASP A 171 -25.09 5.33 0.51
CA ASP A 171 -24.03 4.90 1.41
C ASP A 171 -23.04 6.03 1.70
N ILE A 172 -23.03 7.04 0.83
CA ILE A 172 -22.40 8.30 1.15
C ILE A 172 -23.46 9.13 1.87
N LYS A 173 -23.11 9.61 3.06
CA LYS A 173 -24.09 10.13 4.02
C LYS A 173 -24.73 8.95 4.76
N GLN A 174 -23.98 8.33 5.66
CA GLN A 174 -22.60 8.73 5.95
C GLN A 174 -21.62 8.12 4.95
N THR B 6 6.24 -20.56 6.45
CA THR B 6 6.97 -20.96 7.65
C THR B 6 7.45 -19.75 8.44
N ASN B 7 8.02 -18.78 7.74
CA ASN B 7 8.57 -17.58 8.36
C ASN B 7 7.57 -16.77 9.17
N ILE B 8 8.09 -15.95 10.09
CA ILE B 8 7.26 -15.05 10.89
C ILE B 8 7.74 -13.62 10.69
N TYR B 9 6.90 -12.78 10.09
CA TYR B 9 7.27 -11.40 9.82
C TYR B 9 6.61 -10.43 10.79
N LEU B 10 7.42 -9.58 11.41
CA LEU B 10 6.92 -8.56 12.32
C LEU B 10 6.99 -7.21 11.63
N ILE B 11 5.84 -6.55 11.50
CA ILE B 11 5.77 -5.26 10.81
C ILE B 11 5.18 -4.17 11.69
N GLY B 12 5.40 -2.92 11.29
CA GLY B 12 4.95 -1.77 12.05
C GLY B 12 5.98 -0.66 12.00
N LEU B 13 5.64 0.48 12.59
CA LEU B 13 6.57 1.60 12.60
C LEU B 13 7.68 1.46 13.64
N MET B 14 8.65 2.36 13.59
CA MET B 14 9.73 2.36 14.55
C MET B 14 9.17 2.43 15.97
N GLY B 15 9.73 1.63 16.87
CA GLY B 15 9.31 1.63 18.26
C GLY B 15 8.05 0.81 18.52
N ALA B 16 7.74 -0.12 17.63
CA ALA B 16 6.54 -0.96 17.77
C ALA B 16 6.83 -2.21 18.56
N GLY B 17 8.08 -2.41 18.93
CA GLY B 17 8.47 -3.57 19.69
C GLY B 17 8.86 -4.74 18.82
N LYS B 18 9.17 -4.47 17.56
CA LYS B 18 9.51 -5.52 16.62
C LYS B 18 10.77 -6.27 17.08
N THR B 19 11.79 -5.52 17.47
CA THR B 19 13.02 -6.12 17.97
C THR B 19 12.80 -6.85 19.29
N SER B 20 12.02 -6.25 20.17
CA SER B 20 11.73 -6.84 21.46
C SER B 20 10.97 -8.16 21.29
N VAL B 21 9.76 -8.07 20.72
CA VAL B 21 8.95 -9.26 20.49
C VAL B 21 9.70 -10.29 19.67
N GLY B 22 10.48 -9.81 18.72
CA GLY B 22 11.25 -10.69 17.86
C GLY B 22 12.32 -11.46 18.63
N SER B 23 13.00 -10.79 19.54
CA SER B 23 14.03 -11.43 20.34
C SER B 23 13.44 -12.53 21.23
N GLN B 24 12.28 -12.27 21.81
CA GLN B 24 11.64 -13.24 22.68
C GLN B 24 11.16 -14.46 21.91
N LEU B 25 10.58 -14.22 20.74
CA LEU B 25 10.13 -15.31 19.88
C LEU B 25 11.31 -16.21 19.50
N ALA B 26 12.45 -15.59 19.25
CA ALA B 26 13.66 -16.33 18.87
C ALA B 26 14.15 -17.20 20.02
N LYS B 27 13.99 -16.71 21.25
CA LYS B 27 14.38 -17.47 22.42
C LYS B 27 13.48 -18.68 22.66
N LEU B 28 12.19 -18.50 22.39
CA LEU B 28 11.20 -19.54 22.67
C LEU B 28 11.09 -20.57 21.56
N THR B 29 11.90 -20.42 20.52
CA THR B 29 11.83 -21.34 19.39
C THR B 29 13.21 -21.66 18.82
N LYS B 30 14.22 -21.01 19.37
CA LYS B 30 15.59 -21.17 18.87
C LYS B 30 15.67 -20.93 17.36
N ARG B 31 14.77 -20.08 16.85
CA ARG B 31 14.85 -19.64 15.47
C ARG B 31 15.74 -18.40 15.36
N ILE B 32 16.41 -18.26 14.22
CA ILE B 32 17.28 -17.11 14.01
C ILE B 32 16.48 -15.87 13.64
N LEU B 33 16.69 -14.79 14.40
CA LEU B 33 16.02 -13.53 14.15
C LEU B 33 16.83 -12.65 13.23
N TYR B 34 16.24 -12.26 12.11
CA TYR B 34 16.87 -11.29 11.23
C TYR B 34 16.20 -9.94 11.37
N ASP B 35 17.00 -8.89 11.22
CA ASP B 35 16.51 -7.52 11.25
C ASP B 35 16.88 -6.93 9.89
N SER B 36 15.87 -6.62 9.08
CA SER B 36 16.13 -6.19 7.71
C SER B 36 17.10 -5.03 7.65
N ASP B 37 16.96 -4.08 8.59
CA ASP B 37 17.85 -2.94 8.68
C ASP B 37 19.31 -3.38 8.84
N LYS B 38 19.56 -4.31 9.75
CA LYS B 38 20.92 -4.75 10.02
C LYS B 38 21.48 -5.55 8.84
N GLU B 39 20.65 -6.43 8.28
CA GLU B 39 21.07 -7.19 7.11
C GLU B 39 21.48 -6.28 5.96
N ILE B 40 20.71 -5.21 5.75
CA ILE B 40 21.06 -4.23 4.73
C ILE B 40 22.46 -3.65 4.98
N GLU B 41 22.72 -3.25 6.22
CA GLU B 41 24.01 -2.69 6.59
C GLU B 41 25.13 -3.72 6.39
N LYS B 42 24.86 -4.97 6.76
CA LYS B 42 25.84 -6.04 6.61
C LYS B 42 26.25 -6.24 5.15
N ARG B 43 25.26 -6.33 4.26
CA ARG B 43 25.56 -6.54 2.85
C ARG B 43 26.13 -5.27 2.19
N THR B 44 25.61 -4.11 2.58
CA THR B 44 26.13 -2.85 2.05
C THR B 44 27.56 -2.60 2.50
N GLY B 45 27.88 -3.04 3.70
CA GLY B 45 29.19 -2.82 4.28
C GLY B 45 29.34 -1.40 4.80
N ALA B 46 28.20 -0.78 5.09
CA ALA B 46 28.17 0.57 5.66
C ALA B 46 26.86 0.73 6.41
N ASP B 47 26.74 1.80 7.19
CA ASP B 47 25.53 1.99 7.98
C ASP B 47 24.44 2.75 7.21
N ILE B 48 23.23 2.70 7.74
CA ILE B 48 22.08 3.32 7.11
C ILE B 48 22.27 4.81 6.84
N ALA B 49 22.92 5.52 7.76
CA ALA B 49 23.17 6.94 7.59
C ALA B 49 23.98 7.19 6.32
N TRP B 50 24.97 6.35 6.09
CA TRP B 50 25.80 6.45 4.90
C TRP B 50 24.98 6.20 3.63
N ILE B 51 24.25 5.09 3.62
CA ILE B 51 23.40 4.74 2.48
C ILE B 51 22.52 5.91 2.07
N PHE B 52 21.88 6.55 3.04
CA PHE B 52 21.00 7.68 2.75
C PHE B 52 21.78 8.87 2.21
N GLU B 53 22.96 9.10 2.78
CA GLU B 53 23.76 10.26 2.41
C GLU B 53 24.36 10.12 1.01
N MET B 54 24.62 8.89 0.59
CA MET B 54 25.29 8.64 -0.68
C MET B 54 24.31 8.25 -1.79
N GLU B 55 23.12 7.79 -1.42
CA GLU B 55 22.18 7.26 -2.39
C GLU B 55 20.74 7.70 -2.15
N GLY B 56 20.53 8.47 -1.10
CA GLY B 56 19.20 8.94 -0.75
C GLY B 56 18.26 7.81 -0.38
N GLU B 57 17.02 8.14 -0.06
CA GLU B 57 16.04 7.14 0.30
C GLU B 57 15.83 6.10 -0.82
N ALA B 58 15.99 6.55 -2.06
CA ALA B 58 15.84 5.67 -3.21
C ALA B 58 16.89 4.57 -3.22
N GLY B 59 18.11 4.91 -2.80
CA GLY B 59 19.16 3.93 -2.69
C GLY B 59 18.83 2.91 -1.62
N PHE B 60 18.32 3.38 -0.48
CA PHE B 60 18.01 2.49 0.62
C PHE B 60 16.87 1.54 0.28
N ARG B 61 15.86 2.04 -0.43
CA ARG B 61 14.73 1.19 -0.80
C ARG B 61 15.17 0.06 -1.72
N ARG B 62 16.11 0.35 -2.61
N ARG B 62 16.11 0.35 -2.62
CA ARG B 62 16.64 -0.66 -3.53
CA ARG B 62 16.62 -0.68 -3.52
C ARG B 62 17.30 -1.80 -2.76
C ARG B 62 17.29 -1.80 -2.73
N ARG B 63 18.22 -1.44 -1.87
CA ARG B 63 18.94 -2.42 -1.06
C ARG B 63 17.96 -3.15 -0.14
N GLU B 64 16.92 -2.44 0.27
CA GLU B 64 15.92 -3.02 1.15
C GLU B 64 15.12 -4.09 0.41
N ARG B 65 14.77 -3.79 -0.83
CA ARG B 65 14.04 -4.75 -1.66
C ARG B 65 14.89 -5.97 -1.97
N GLU B 66 16.15 -5.75 -2.34
CA GLU B 66 17.09 -6.85 -2.58
C GLU B 66 17.20 -7.77 -1.37
N MET B 67 17.31 -7.18 -0.18
CA MET B 67 17.46 -7.96 1.04
C MET B 67 16.19 -8.71 1.39
N ILE B 68 15.05 -8.04 1.24
CA ILE B 68 13.77 -8.67 1.57
C ILE B 68 13.50 -9.87 0.67
N GLU B 69 13.94 -9.78 -0.58
CA GLU B 69 13.81 -10.90 -1.50
C GLU B 69 14.56 -12.10 -0.97
N ALA B 70 15.86 -11.90 -0.71
CA ALA B 70 16.71 -12.95 -0.17
C ALA B 70 16.18 -13.52 1.15
N LEU B 71 15.85 -12.63 2.09
CA LEU B 71 15.39 -13.07 3.40
C LEU B 71 14.15 -13.95 3.33
N CYS B 72 13.26 -13.67 2.38
CA CYS B 72 12.01 -14.42 2.28
C CYS B 72 12.21 -15.85 1.75
N LYS B 73 13.34 -16.08 1.09
CA LYS B 73 13.68 -17.43 0.64
C LYS B 73 14.02 -18.34 1.81
N LEU B 74 14.79 -17.83 2.77
CA LEU B 74 15.15 -18.60 3.96
C LEU B 74 13.91 -19.19 4.61
N ASP B 75 14.08 -20.29 5.34
CA ASP B 75 12.95 -20.98 5.92
C ASP B 75 12.97 -21.03 7.45
N ASN B 76 11.79 -20.87 8.03
CA ASN B 76 11.62 -20.96 9.48
C ASN B 76 12.38 -19.90 10.27
N ILE B 77 12.51 -18.71 9.68
CA ILE B 77 13.17 -17.60 10.35
C ILE B 77 12.15 -16.63 10.94
N ILE B 78 12.67 -15.59 11.59
CA ILE B 78 11.84 -14.51 12.09
C ILE B 78 12.44 -13.21 11.61
N LEU B 79 11.61 -12.33 11.08
CA LEU B 79 12.10 -11.08 10.53
C LEU B 79 11.48 -9.86 11.20
N ALA B 80 12.32 -9.02 11.76
CA ALA B 80 11.89 -7.70 12.22
C ALA B 80 11.98 -6.77 11.02
N THR B 81 10.83 -6.49 10.42
CA THR B 81 10.77 -5.80 9.14
C THR B 81 10.79 -4.29 9.33
N GLY B 82 11.75 -3.62 8.70
CA GLY B 82 11.79 -2.17 8.71
C GLY B 82 10.47 -1.56 8.27
N GLY B 83 10.13 -0.41 8.83
CA GLY B 83 8.85 0.23 8.59
C GLY B 83 8.52 0.52 7.14
N GLY B 84 9.54 0.84 6.34
CA GLY B 84 9.34 1.21 4.96
C GLY B 84 9.22 0.05 3.98
N VAL B 85 9.49 -1.16 4.47
CA VAL B 85 9.44 -2.34 3.63
C VAL B 85 8.08 -2.51 2.95
N VAL B 86 7.02 -2.17 3.66
CA VAL B 86 5.67 -2.35 3.16
C VAL B 86 5.28 -1.36 2.04
N LEU B 87 6.11 -0.33 1.84
CA LEU B 87 5.83 0.67 0.81
C LEU B 87 5.92 0.07 -0.59
N ASP B 88 6.67 -1.01 -0.73
CA ASP B 88 6.90 -1.63 -2.03
C ASP B 88 6.03 -2.85 -2.26
N GLU B 89 5.37 -2.89 -3.42
CA GLU B 89 4.43 -3.95 -3.76
C GLU B 89 5.07 -5.33 -3.82
N LYS B 90 6.25 -5.38 -4.42
CA LYS B 90 7.00 -6.64 -4.45
C LYS B 90 7.15 -7.19 -3.03
N ASN B 91 7.74 -6.40 -2.14
CA ASN B 91 7.94 -6.80 -0.75
C ASN B 91 6.64 -7.27 -0.11
N ARG B 92 5.56 -6.52 -0.35
CA ARG B 92 4.28 -6.87 0.25
C ARG B 92 3.82 -8.23 -0.27
N GLN B 93 4.22 -8.55 -1.49
CA GLN B 93 3.84 -9.83 -2.09
C GLN B 93 4.68 -10.95 -1.51
N GLN B 94 6.00 -10.84 -1.66
CA GLN B 94 6.91 -11.86 -1.15
C GLN B 94 6.66 -12.15 0.31
N ILE B 95 6.39 -11.11 1.09
CA ILE B 95 6.12 -11.26 2.51
C ILE B 95 4.85 -12.07 2.76
N SER B 96 3.74 -11.63 2.18
CA SER B 96 2.45 -12.28 2.43
C SER B 96 2.36 -13.71 1.90
N GLU B 97 3.20 -14.04 0.93
CA GLU B 97 3.25 -15.40 0.40
C GLU B 97 4.02 -16.35 1.31
N THR B 98 5.15 -15.90 1.83
CA THR B 98 6.12 -16.81 2.47
C THR B 98 6.09 -16.89 4.00
N GLY B 99 5.08 -16.29 4.64
CA GLY B 99 4.98 -16.40 6.09
C GLY B 99 3.85 -15.64 6.74
N VAL B 100 3.66 -15.87 8.03
CA VAL B 100 2.66 -15.16 8.82
C VAL B 100 3.07 -13.71 9.06
N VAL B 101 2.10 -12.81 9.12
CA VAL B 101 2.40 -11.39 9.27
C VAL B 101 1.79 -10.81 10.54
N ILE B 102 2.67 -10.42 11.46
CA ILE B 102 2.24 -9.83 12.71
C ILE B 102 2.45 -8.32 12.66
N TYR B 103 1.42 -7.56 13.03
CA TYR B 103 1.50 -6.11 13.04
C TYR B 103 1.48 -5.61 14.47
N LEU B 104 2.63 -5.13 14.94
CA LEU B 104 2.75 -4.60 16.28
C LEU B 104 2.45 -3.11 16.29
N THR B 105 1.59 -2.68 17.21
CA THR B 105 1.25 -1.28 17.36
C THR B 105 1.64 -0.81 18.75
N ALA B 106 1.77 0.50 18.92
CA ALA B 106 2.15 1.07 20.20
C ALA B 106 1.88 2.56 20.22
N SER B 107 1.57 3.09 21.40
CA SER B 107 1.28 4.52 21.53
C SER B 107 2.54 5.32 21.21
N ILE B 108 2.34 6.56 20.76
CA ILE B 108 3.46 7.42 20.38
C ILE B 108 4.49 7.52 21.51
N ASP B 109 4.03 7.46 22.75
CA ASP B 109 4.92 7.63 23.90
C ASP B 109 5.79 6.39 24.08
N THR B 110 5.18 5.22 23.92
CA THR B 110 5.93 3.98 23.94
C THR B 110 6.99 3.98 22.83
N GLN B 111 6.62 4.51 21.66
CA GLN B 111 7.53 4.61 20.53
C GLN B 111 8.71 5.50 20.86
N LEU B 112 8.45 6.63 21.50
CA LEU B 112 9.50 7.60 21.79
C LEU B 112 10.47 7.08 22.83
N LYS B 113 10.00 6.16 23.66
CA LYS B 113 10.85 5.51 24.65
C LYS B 113 11.82 4.56 23.94
N ARG B 114 11.25 3.63 23.18
CA ARG B 114 12.05 2.65 22.45
C ARG B 114 13.05 3.33 21.52
N ILE B 115 12.57 4.32 20.77
CA ILE B 115 13.40 5.03 19.81
C ILE B 115 14.54 5.77 20.51
N GLY B 116 14.25 6.27 21.71
CA GLY B 116 15.18 7.12 22.42
C GLY B 116 16.16 6.46 23.39
N GLN B 117 15.84 5.26 23.88
CA GLN B 117 16.70 4.62 24.85
C GLN B 117 17.95 4.03 24.23
N LYS B 118 19.11 4.54 24.66
CA LYS B 118 20.40 4.04 24.18
C LYS B 118 21.14 3.35 25.32
N GLY B 119 21.96 2.36 24.98
CA GLY B 119 22.66 1.56 25.97
C GLY B 119 23.60 2.34 26.86
N GLU B 120 24.30 3.31 26.27
CA GLU B 120 25.37 4.03 26.96
C GLU B 120 24.87 5.22 27.77
N MET B 121 23.57 5.48 27.71
CA MET B 121 23.02 6.68 28.32
C MET B 121 21.79 6.36 29.17
N ARG B 122 21.84 6.74 30.43
CA ARG B 122 20.78 6.39 31.38
C ARG B 122 19.40 6.83 30.91
N ARG B 123 19.26 8.12 30.62
CA ARG B 123 17.96 8.65 30.23
C ARG B 123 17.85 8.72 28.71
N PRO B 124 16.75 8.21 28.16
CA PRO B 124 16.56 8.17 26.71
C PRO B 124 16.65 9.57 26.09
N LEU B 125 17.01 9.61 24.80
CA LEU B 125 17.04 10.85 24.05
C LEU B 125 15.63 11.32 23.75
N PHE B 126 15.44 12.63 23.73
CA PHE B 126 14.16 13.19 23.32
C PHE B 126 14.29 13.76 21.92
N ILE B 127 13.27 13.55 21.09
CA ILE B 127 13.27 14.12 19.75
C ILE B 127 12.45 15.41 19.72
N LYS B 128 12.81 16.32 18.81
CA LYS B 128 12.11 17.59 18.67
C LYS B 128 10.65 17.37 18.30
N ASN B 129 9.80 18.31 18.70
CA ASN B 129 8.39 18.28 18.36
C ASN B 129 8.24 18.23 16.85
N ASN B 130 9.14 18.92 16.17
CA ASN B 130 9.26 18.84 14.72
C ASN B 130 9.17 17.38 14.27
N SER B 131 10.14 16.58 14.72
CA SER B 131 10.24 15.19 14.33
C SER B 131 9.11 14.31 14.87
N LYS B 132 8.57 14.69 16.03
CA LYS B 132 7.45 13.94 16.60
C LYS B 132 6.27 13.97 15.65
N GLU B 133 6.00 15.13 15.07
CA GLU B 133 4.91 15.29 14.12
C GLU B 133 5.06 14.34 12.93
N LYS B 134 6.19 14.42 12.25
CA LYS B 134 6.44 13.58 11.09
C LYS B 134 6.22 12.09 11.38
N LEU B 135 6.61 11.65 12.57
CA LEU B 135 6.42 10.26 12.96
C LEU B 135 4.94 9.98 13.16
N GLN B 136 4.20 10.98 13.63
CA GLN B 136 2.76 10.82 13.82
C GLN B 136 2.03 10.86 12.48
N GLN B 137 2.55 11.63 11.55
CA GLN B 137 2.01 11.68 10.19
C GLN B 137 2.15 10.31 9.55
N LEU B 138 3.30 9.67 9.76
CA LEU B 138 3.57 8.35 9.22
C LEU B 138 2.64 7.30 9.79
N ASN B 139 2.52 7.27 11.12
CA ASN B 139 1.61 6.35 11.79
C ASN B 139 0.27 6.40 11.09
N GLU B 140 -0.16 7.62 10.79
CA GLU B 140 -1.44 7.89 10.17
C GLU B 140 -1.59 7.18 8.84
N ILE B 141 -0.66 7.44 7.91
CA ILE B 141 -0.79 6.96 6.54
C ILE B 141 -0.34 5.52 6.32
N ARG B 142 0.44 4.97 7.24
CA ARG B 142 0.95 3.61 7.07
C ARG B 142 0.18 2.56 7.87
N LYS B 143 -0.58 3.02 8.86
CA LYS B 143 -1.36 2.10 9.69
C LYS B 143 -2.22 1.15 8.85
N PRO B 144 -3.09 1.71 7.99
CA PRO B 144 -3.97 0.85 7.19
C PRO B 144 -3.17 -0.13 6.35
N LEU B 145 -2.04 0.34 5.83
CA LEU B 145 -1.18 -0.49 5.03
C LEU B 145 -0.71 -1.71 5.84
N TYR B 146 -0.35 -1.47 7.09
CA TYR B 146 0.03 -2.56 7.99
C TYR B 146 -1.21 -3.41 8.27
N GLN B 147 -2.27 -2.74 8.71
CA GLN B 147 -3.54 -3.38 8.99
C GLN B 147 -3.92 -4.40 7.92
N ALA B 148 -3.81 -3.98 6.66
CA ALA B 148 -4.16 -4.84 5.55
C ALA B 148 -3.32 -6.11 5.50
N MET B 149 -2.00 -5.95 5.59
CA MET B 149 -1.09 -7.08 5.45
C MET B 149 -1.15 -8.04 6.64
N ALA B 150 -1.55 -7.53 7.79
CA ALA B 150 -1.46 -8.28 9.03
C ALA B 150 -2.44 -9.45 9.13
N ASP B 151 -1.92 -10.62 9.46
CA ASP B 151 -2.76 -11.79 9.76
C ASP B 151 -3.15 -11.74 11.23
N LEU B 152 -2.24 -11.22 12.06
CA LEU B 152 -2.49 -11.04 13.49
C LEU B 152 -2.05 -9.64 13.91
N VAL B 153 -2.67 -9.13 14.97
CA VAL B 153 -2.33 -7.80 15.48
C VAL B 153 -2.22 -7.81 17.00
N TYR B 154 -1.26 -7.04 17.52
CA TYR B 154 -1.06 -6.94 18.95
C TYR B 154 -0.55 -5.56 19.34
N PRO B 155 -0.97 -5.07 20.51
CA PRO B 155 -0.41 -3.84 21.08
C PRO B 155 0.84 -4.17 21.89
N THR B 156 1.75 -3.21 22.04
CA THR B 156 3.00 -3.48 22.74
C THR B 156 3.26 -2.49 23.86
N ASP B 157 2.24 -1.74 24.25
CA ASP B 157 2.34 -0.86 25.40
C ASP B 157 2.38 -1.71 26.66
N ASP B 158 2.95 -1.18 27.74
CA ASP B 158 3.09 -1.94 28.97
C ASP B 158 3.47 -3.37 28.64
N LEU B 159 4.58 -3.52 27.92
CA LEU B 159 4.91 -4.80 27.31
C LEU B 159 5.51 -5.83 28.27
N ASN B 160 4.96 -7.04 28.21
CA ASN B 160 5.59 -8.21 28.78
C ASN B 160 5.97 -9.13 27.62
N PRO B 161 7.23 -9.05 27.18
CA PRO B 161 7.72 -9.76 25.98
C PRO B 161 7.51 -11.27 26.01
N ARG B 162 7.66 -11.91 27.16
CA ARG B 162 7.50 -13.37 27.25
C ARG B 162 6.04 -13.79 27.16
N GLN B 163 5.14 -12.97 27.70
CA GLN B 163 3.71 -13.26 27.66
C GLN B 163 3.16 -13.13 26.24
N LEU B 164 3.37 -11.97 25.64
CA LEU B 164 2.89 -11.69 24.28
C LEU B 164 3.47 -12.65 23.25
N ALA B 165 4.74 -13.00 23.41
CA ALA B 165 5.40 -13.88 22.44
C ALA B 165 4.80 -15.28 22.41
N THR B 166 4.57 -15.86 23.60
CA THR B 166 3.92 -17.17 23.67
C THR B 166 2.52 -17.10 23.07
N GLN B 167 1.81 -16.02 23.41
CA GLN B 167 0.48 -15.78 22.84
C GLN B 167 0.53 -15.83 21.32
N ILE B 168 1.48 -15.12 20.72
CA ILE B 168 1.63 -15.13 19.27
C ILE B 168 1.77 -16.54 18.73
N LEU B 169 2.65 -17.32 19.36
CA LEU B 169 2.89 -18.70 18.93
C LEU B 169 1.65 -19.58 19.07
N VAL B 170 0.66 -19.09 19.82
CA VAL B 170 -0.59 -19.79 19.98
C VAL B 170 -1.57 -19.40 18.87
N ASP B 171 -1.79 -18.10 18.73
CA ASP B 171 -2.68 -17.58 17.69
C ASP B 171 -2.27 -18.11 16.32
N ILE B 172 -1.01 -18.53 16.21
CA ILE B 172 -0.58 -19.30 15.05
C ILE B 172 -1.03 -20.74 15.31
N LYS B 173 -2.01 -21.19 14.53
CA LYS B 173 -2.65 -22.49 14.75
C LYS B 173 -3.70 -22.41 15.85
S SO4 C . -12.70 0.54 -15.70
O1 SO4 C . -11.49 0.17 -16.43
O2 SO4 C . -13.10 1.89 -16.05
O3 SO4 C . -13.79 -0.37 -16.03
O4 SO4 C . -12.45 0.46 -14.26
S SO4 D . 11.04 -1.59 17.00
O1 SO4 D . 11.54 -0.32 16.47
O2 SO4 D . 12.04 -2.62 16.79
O3 SO4 D . 10.76 -1.45 18.43
O4 SO4 D . 9.81 -1.95 16.31
#